data_3UC1
#
_entry.id   3UC1
#
_cell.length_a   38.871
_cell.length_b   82.842
_cell.length_c   83.433
_cell.angle_alpha   90.00
_cell.angle_beta   90.00
_cell.angle_gamma   90.00
#
_symmetry.space_group_name_H-M   'P 21 21 21'
#
loop_
_entity.id
_entity.type
_entity.pdbx_description
1 polymer 'DNA gyrase subunit A'
2 non-polymer 'CALCIUM ION'
3 non-polymer 'ACETATE ION'
4 non-polymer GLYCEROL
5 water water
#
_entity_poly.entity_id   1
_entity_poly.type   'polypeptide(L)'
_entity_poly.pdbx_seq_one_letter_code
;NAEDVVVTITETGYAKRTKTDLYRSQKRGGKGVQGAGLKQDDIVAHFFVCSTHDLILFFTTQGRVYRAKAYDLPEASRTA
RGQHVANLLAFQPEERIAQVIQIRGYTDAPYLVLATRNGLVKKSKLTDFDSNRSGGIVAVNLRDNDELVGAVLCSAGDDL
LLVSANGQSIRFSATDEALRPMGRATSGVQGMRFNIDDRLLSLNVVREGTYLLVATSGGYAKRTAIEEYPVQGRGGKGVL
TVMYDRRRGRLVGALIVDDDSELYAVTSGGGVIRTAARQVRKAGRQTKGVRLMNLGEGDTLLAIARNAEESGDDNAVDAN
GADQTGN
;
_entity_poly.pdbx_strand_id   A
#
loop_
_chem_comp.id
_chem_comp.type
_chem_comp.name
_chem_comp.formula
ACT non-polymer 'ACETATE ION' 'C2 H3 O2 -1'
CA non-polymer 'CALCIUM ION' 'Ca 2'
GOL non-polymer GLYCEROL 'C3 H8 O3'
#
# COMPACT_ATOMS: atom_id res chain seq x y z
N ASN A 1 -3.19 19.66 -24.45
CA ASN A 1 -3.65 19.63 -23.06
C ASN A 1 -3.19 18.34 -22.41
N ALA A 2 -3.10 17.30 -23.23
CA ALA A 2 -2.67 15.98 -22.78
C ALA A 2 -1.14 15.97 -22.71
N GLU A 3 -0.62 15.74 -21.52
CA GLU A 3 0.82 15.74 -21.32
C GLU A 3 1.17 14.59 -20.41
N ASP A 4 2.38 14.08 -20.55
CA ASP A 4 2.91 13.12 -19.59
C ASP A 4 3.35 13.86 -18.33
N VAL A 5 2.96 13.33 -17.18
CA VAL A 5 3.27 13.94 -15.90
C VAL A 5 3.69 12.91 -14.88
N VAL A 6 4.45 13.37 -13.89
CA VAL A 6 4.74 12.62 -12.68
C VAL A 6 3.80 13.13 -11.61
N VAL A 7 3.01 12.22 -11.05
CA VAL A 7 2.15 12.54 -9.91
C VAL A 7 2.84 12.17 -8.61
N THR A 8 2.88 13.10 -7.68
CA THR A 8 3.43 12.83 -6.34
CA THR A 8 3.47 12.90 -6.35
C THR A 8 2.42 13.22 -5.28
N ILE A 9 2.23 12.32 -4.32
CA ILE A 9 1.38 12.59 -3.19
C ILE A 9 2.24 12.31 -1.97
N THR A 10 2.45 13.32 -1.14
CA THR A 10 3.32 13.14 0.03
C THR A 10 2.62 12.31 1.08
N GLU A 11 3.39 11.75 2.01
CA GLU A 11 2.82 11.05 3.16
C GLU A 11 1.97 12.02 3.99
N THR A 12 2.35 13.28 4.00
CA THR A 12 1.59 14.32 4.70
C THR A 12 0.27 14.67 3.99
N GLY A 13 0.06 14.14 2.80
CA GLY A 13 -1.22 14.24 2.11
C GLY A 13 -1.34 15.33 1.05
N TYR A 14 -0.22 15.85 0.55
CA TYR A 14 -0.27 16.89 -0.46
C TYR A 14 0.04 16.34 -1.85
N ALA A 15 -0.77 16.74 -2.82
CA ALA A 15 -0.72 16.14 -4.15
C ALA A 15 -0.37 17.20 -5.18
N LYS A 16 0.43 16.81 -6.17
CA LYS A 16 0.71 17.70 -7.30
C LYS A 16 1.06 16.86 -8.54
N ARG A 17 1.06 17.49 -9.71
CA ARG A 17 1.62 16.88 -10.89
C ARG A 17 2.76 17.75 -11.42
N THR A 18 3.71 17.12 -12.10
CA THR A 18 4.84 17.85 -12.69
C THR A 18 5.09 17.27 -14.09
N LYS A 19 5.15 18.13 -15.12
CA LYS A 19 5.49 17.66 -16.46
C LYS A 19 6.74 16.79 -16.37
N THR A 20 6.79 15.69 -17.13
CA THR A 20 7.89 14.75 -16.95
CA THR A 20 7.88 14.75 -17.00
C THR A 20 9.25 15.38 -17.28
N ASP A 21 9.31 16.26 -18.28
CA ASP A 21 10.61 16.84 -18.62
C ASP A 21 11.11 17.74 -17.49
N LEU A 22 10.20 18.51 -16.88
CA LEU A 22 10.56 19.38 -15.77
C LEU A 22 10.96 18.53 -14.56
N TYR A 23 10.21 17.47 -14.30
CA TYR A 23 10.55 16.58 -13.21
C TYR A 23 11.99 16.06 -13.32
N ARG A 24 12.34 15.52 -14.48
N ARG A 24 12.35 15.54 -14.49
CA ARG A 24 13.68 15.01 -14.71
CA ARG A 24 13.69 14.99 -14.67
C ARG A 24 14.71 16.12 -14.50
C ARG A 24 14.76 16.08 -14.64
N SER A 25 14.40 17.29 -15.04
CA SER A 25 15.30 18.44 -14.99
CA SER A 25 15.34 18.39 -14.99
C SER A 25 15.61 18.85 -13.57
N GLN A 26 14.65 18.67 -12.68
CA GLN A 26 14.81 19.14 -11.31
C GLN A 26 15.38 18.07 -10.36
N LYS A 27 15.63 16.87 -10.89
CA LYS A 27 16.34 15.80 -10.17
C LYS A 27 16.41 16.05 -8.67
N ALA A 36 22.24 16.97 1.12
CA ALA A 36 21.20 17.31 2.09
C ALA A 36 20.65 16.05 2.76
N GLY A 37 20.49 16.11 4.08
CA GLY A 37 19.90 15.02 4.82
C GLY A 37 18.42 14.89 4.50
N LEU A 38 17.95 13.66 4.35
CA LEU A 38 16.54 13.40 4.05
C LEU A 38 15.61 13.90 5.14
N LYS A 39 14.50 14.49 4.71
CA LYS A 39 13.52 15.05 5.62
C LYS A 39 12.22 14.29 5.53
N GLN A 40 11.62 14.00 6.68
CA GLN A 40 10.36 13.26 6.72
C GLN A 40 9.26 13.96 5.94
N ASP A 41 9.22 15.30 5.97
CA ASP A 41 8.17 16.01 5.25
C ASP A 41 8.20 15.73 3.75
N ASP A 42 9.36 15.35 3.22
CA ASP A 42 9.50 15.14 1.77
C ASP A 42 9.17 13.72 1.32
N ILE A 43 8.93 12.82 2.28
CA ILE A 43 8.58 11.42 1.97
CA ILE A 43 8.60 11.44 1.94
C ILE A 43 7.33 11.38 1.08
N VAL A 44 7.44 10.66 -0.04
CA VAL A 44 6.35 10.56 -1.01
C VAL A 44 5.65 9.21 -0.79
N ALA A 45 4.35 9.26 -0.54
CA ALA A 45 3.54 8.05 -0.32
C ALA A 45 3.09 7.40 -1.64
N HIS A 46 2.86 8.20 -2.68
CA HIS A 46 2.39 7.67 -3.96
C HIS A 46 3.05 8.42 -5.08
N PHE A 47 3.56 7.67 -6.05
CA PHE A 47 4.36 8.23 -7.11
C PHE A 47 4.13 7.43 -8.37
N PHE A 48 3.72 8.10 -9.44
CA PHE A 48 3.64 7.41 -10.71
C PHE A 48 3.68 8.35 -11.90
N VAL A 49 3.96 7.74 -13.06
CA VAL A 49 4.05 8.46 -14.30
C VAL A 49 2.79 8.14 -15.09
N CYS A 50 2.11 9.17 -15.58
CA CYS A 50 0.86 8.91 -16.29
C CYS A 50 0.53 10.09 -17.21
N SER A 51 -0.63 10.03 -17.83
CA SER A 51 -1.13 11.16 -18.61
C SER A 51 -1.92 12.08 -17.69
N THR A 52 -1.92 13.37 -18.00
CA THR A 52 -2.84 14.32 -17.35
C THR A 52 -4.28 13.81 -17.39
N HIS A 53 -4.65 13.07 -18.44
CA HIS A 53 -6.04 12.66 -18.62
C HIS A 53 -6.33 11.24 -18.13
N ASP A 54 -5.35 10.60 -17.49
CA ASP A 54 -5.62 9.34 -16.80
C ASP A 54 -6.43 9.61 -15.53
N LEU A 55 -7.07 8.56 -15.02
CA LEU A 55 -7.85 8.63 -13.79
C LEU A 55 -6.99 8.20 -12.62
N ILE A 56 -7.21 8.84 -11.48
CA ILE A 56 -6.59 8.44 -10.23
C ILE A 56 -7.71 8.09 -9.23
N LEU A 57 -7.73 6.83 -8.78
CA LEU A 57 -8.71 6.39 -7.78
C LEU A 57 -8.11 6.52 -6.39
N PHE A 58 -8.79 7.29 -5.54
CA PHE A 58 -8.37 7.49 -4.15
C PHE A 58 -9.27 6.67 -3.26
N PHE A 59 -8.75 5.61 -2.66
CA PHE A 59 -9.54 4.76 -1.77
C PHE A 59 -9.30 5.28 -0.37
N THR A 60 -10.37 5.50 0.39
CA THR A 60 -10.20 6.08 1.72
C THR A 60 -10.39 5.04 2.81
N THR A 61 -9.98 5.41 4.03
CA THR A 61 -10.06 4.53 5.19
C THR A 61 -11.51 4.20 5.53
N GLN A 62 -12.44 5.05 5.09
CA GLN A 62 -13.85 4.86 5.34
C GLN A 62 -14.53 4.05 4.22
N GLY A 63 -13.71 3.51 3.31
CA GLY A 63 -14.19 2.56 2.32
C GLY A 63 -14.88 3.19 1.12
N ARG A 64 -14.58 4.46 0.86
CA ARG A 64 -15.09 5.14 -0.33
C ARG A 64 -14.01 5.23 -1.40
N VAL A 65 -14.41 5.50 -2.64
CA VAL A 65 -13.42 5.78 -3.65
C VAL A 65 -13.81 7.07 -4.35
N TYR A 66 -12.87 7.99 -4.43
CA TYR A 66 -13.04 9.28 -5.09
C TYR A 66 -12.17 9.23 -6.33
N ARG A 67 -12.68 9.64 -7.49
CA ARG A 67 -11.83 9.65 -8.67
C ARG A 67 -11.53 11.08 -9.12
N ALA A 68 -10.34 11.26 -9.67
CA ALA A 68 -9.96 12.55 -10.20
C ALA A 68 -9.13 12.31 -11.45
N LYS A 69 -9.13 13.25 -12.37
CA LYS A 69 -8.17 13.19 -13.46
C LYS A 69 -6.84 13.69 -12.92
N ALA A 70 -5.72 13.23 -13.49
CA ALA A 70 -4.45 13.74 -13.03
C ALA A 70 -4.38 15.28 -13.18
N TYR A 71 -5.05 15.83 -14.18
CA TYR A 71 -5.02 17.29 -14.35
C TYR A 71 -5.78 18.04 -13.28
N ASP A 72 -6.59 17.33 -12.49
CA ASP A 72 -7.22 17.95 -11.32
C ASP A 72 -6.22 18.26 -10.20
N LEU A 73 -5.05 17.64 -10.24
CA LEU A 73 -3.99 17.96 -9.32
CA LEU A 73 -4.01 17.93 -9.22
C LEU A 73 -3.26 19.21 -9.79
N PRO A 74 -2.90 20.10 -8.87
CA PRO A 74 -2.22 21.33 -9.29
C PRO A 74 -0.84 21.07 -9.84
N GLU A 75 -0.43 21.88 -10.82
CA GLU A 75 0.95 21.92 -11.21
C GLU A 75 1.74 22.64 -10.15
N ALA A 76 2.81 22.01 -9.75
CA ALA A 76 3.79 22.61 -8.90
C ALA A 76 5.00 21.77 -9.22
N SER A 77 6.18 22.30 -8.96
CA SER A 77 7.36 21.55 -9.30
C SER A 77 7.84 20.77 -8.08
N ARG A 78 9.09 20.32 -8.10
CA ARG A 78 9.57 19.37 -7.11
C ARG A 78 9.68 19.92 -5.68
N THR A 79 9.93 21.21 -5.54
CA THR A 79 10.10 21.81 -4.21
C THR A 79 8.77 22.13 -3.54
N ALA A 80 7.78 22.53 -4.34
CA ALA A 80 6.48 22.94 -3.81
C ALA A 80 5.64 21.73 -3.43
N ARG A 81 4.69 21.95 -2.53
CA ARG A 81 3.97 20.87 -1.86
C ARG A 81 2.74 20.37 -2.65
N GLY A 82 2.01 21.32 -3.21
CA GLY A 82 0.77 21.01 -3.88
C GLY A 82 -0.41 21.24 -2.95
N GLN A 83 -1.55 20.63 -3.28
CA GLN A 83 -2.80 20.84 -2.54
C GLN A 83 -3.10 19.65 -1.65
N HIS A 84 -3.69 19.86 -0.48
CA HIS A 84 -3.98 18.70 0.36
C HIS A 84 -5.15 17.95 -0.23
N VAL A 85 -5.01 16.62 -0.25
CA VAL A 85 -5.99 15.77 -0.90
C VAL A 85 -7.37 15.87 -0.26
N ALA A 86 -7.45 16.04 1.06
CA ALA A 86 -8.76 16.11 1.69
C ALA A 86 -9.55 17.33 1.20
N ASN A 87 -8.85 18.43 0.92
CA ASN A 87 -9.51 19.61 0.38
C ASN A 87 -9.84 19.42 -1.11
N LEU A 88 -8.89 18.88 -1.85
CA LEU A 88 -9.06 18.73 -3.29
C LEU A 88 -10.25 17.83 -3.60
N LEU A 89 -10.42 16.79 -2.80
CA LEU A 89 -11.44 15.79 -3.07
C LEU A 89 -12.65 15.93 -2.13
N ALA A 90 -12.60 16.89 -1.22
CA ALA A 90 -13.69 17.09 -0.26
C ALA A 90 -14.01 15.80 0.51
N PHE A 91 -12.98 15.19 1.08
CA PHE A 91 -13.15 14.06 2.00
C PHE A 91 -14.03 14.42 3.18
N GLN A 92 -14.78 13.44 3.67
CA GLN A 92 -15.50 13.62 4.93
C GLN A 92 -14.51 13.83 6.05
N PRO A 93 -14.98 14.38 7.16
CA PRO A 93 -14.08 14.63 8.27
C PRO A 93 -13.43 13.33 8.73
N GLU A 94 -12.13 13.38 8.95
CA GLU A 94 -11.38 12.27 9.52
C GLU A 94 -11.05 11.25 8.45
N GLU A 95 -11.68 11.36 7.28
CA GLU A 95 -11.39 10.45 6.17
C GLU A 95 -9.95 10.65 5.72
N ARG A 96 -9.23 9.56 5.49
CA ARG A 96 -7.85 9.61 5.05
C ARG A 96 -7.64 8.71 3.83
N ILE A 97 -6.56 8.92 3.07
CA ILE A 97 -6.19 7.98 2.04
C ILE A 97 -5.76 6.64 2.61
N ALA A 98 -6.29 5.59 2.03
CA ALA A 98 -5.84 4.23 2.30
C ALA A 98 -4.97 3.69 1.17
N GLN A 99 -5.34 3.96 -0.07
CA GLN A 99 -4.57 3.51 -1.22
C GLN A 99 -4.91 4.40 -2.43
N VAL A 100 -3.96 4.51 -3.36
CA VAL A 100 -4.20 5.26 -4.60
C VAL A 100 -3.85 4.35 -5.76
N ILE A 101 -4.75 4.28 -6.75
CA ILE A 101 -4.51 3.48 -7.94
C ILE A 101 -4.81 4.31 -9.17
N GLN A 102 -3.81 4.44 -10.02
CA GLN A 102 -3.97 5.18 -11.28
C GLN A 102 -4.41 4.18 -12.37
N ILE A 103 -5.37 4.58 -13.21
CA ILE A 103 -5.84 3.69 -14.28
C ILE A 103 -6.00 4.44 -15.59
N ARG A 104 -5.85 3.72 -16.71
CA ARG A 104 -6.21 4.24 -18.03
C ARG A 104 -7.69 4.16 -18.28
N GLY A 105 -8.33 3.18 -17.65
CA GLY A 105 -9.74 2.99 -17.78
C GLY A 105 -10.14 1.82 -16.92
N TYR A 106 -11.43 1.54 -16.86
CA TYR A 106 -11.94 0.55 -15.94
C TYR A 106 -11.86 -0.88 -16.47
N THR A 107 -11.19 -1.07 -17.61
CA THR A 107 -10.84 -2.41 -18.08
C THR A 107 -9.34 -2.72 -17.91
N ASP A 108 -8.62 -1.90 -17.14
CA ASP A 108 -7.20 -2.14 -16.93
C ASP A 108 -6.94 -3.52 -16.30
N ALA A 109 -7.82 -3.97 -15.40
CA ALA A 109 -7.76 -5.32 -14.84
C ALA A 109 -9.19 -5.78 -14.61
N PRO A 110 -9.41 -7.10 -14.46
CA PRO A 110 -10.79 -7.54 -14.24
CA PRO A 110 -10.79 -7.56 -14.24
C PRO A 110 -11.36 -7.07 -12.91
N TYR A 111 -10.54 -7.08 -11.85
CA TYR A 111 -11.05 -6.83 -10.51
C TYR A 111 -10.29 -5.81 -9.70
N LEU A 112 -11.02 -5.24 -8.75
CA LEU A 112 -10.44 -4.55 -7.62
C LEU A 112 -10.69 -5.49 -6.44
N VAL A 113 -9.65 -5.76 -5.66
CA VAL A 113 -9.83 -6.47 -4.40
C VAL A 113 -9.46 -5.55 -3.25
N LEU A 114 -10.35 -5.45 -2.26
CA LEU A 114 -10.13 -4.59 -1.10
C LEU A 114 -9.90 -5.46 0.11
N ALA A 115 -9.19 -4.92 1.10
CA ALA A 115 -8.97 -5.65 2.34
C ALA A 115 -9.12 -4.69 3.52
N THR A 116 -9.72 -5.19 4.59
CA THR A 116 -10.00 -4.31 5.73
C THR A 116 -9.11 -4.61 6.92
N ARG A 117 -9.03 -3.61 7.79
CA ARG A 117 -8.26 -3.69 9.02
C ARG A 117 -8.60 -4.96 9.82
N ASN A 118 -9.88 -5.33 9.85
CA ASN A 118 -10.30 -6.47 10.65
C ASN A 118 -10.22 -7.80 9.92
N GLY A 119 -9.58 -7.78 8.76
CA GLY A 119 -9.23 -9.00 8.03
C GLY A 119 -10.19 -9.43 6.95
N LEU A 120 -11.17 -8.60 6.62
CA LEU A 120 -12.13 -8.95 5.57
C LEU A 120 -11.59 -8.61 4.17
N VAL A 121 -12.10 -9.30 3.17
CA VAL A 121 -11.69 -9.03 1.79
C VAL A 121 -12.91 -9.03 0.88
N LYS A 122 -12.80 -8.36 -0.26
CA LYS A 122 -13.88 -8.34 -1.25
CA LYS A 122 -13.88 -8.38 -1.25
C LYS A 122 -13.34 -8.15 -2.66
N LYS A 123 -13.83 -8.94 -3.59
CA LYS A 123 -13.54 -8.73 -5.01
C LYS A 123 -14.74 -8.07 -5.68
N SER A 124 -14.49 -7.00 -6.44
CA SER A 124 -15.53 -6.39 -7.25
C SER A 124 -15.01 -6.17 -8.67
N LYS A 125 -15.90 -6.29 -9.64
CA LYS A 125 -15.54 -5.99 -11.03
C LYS A 125 -15.09 -4.54 -11.09
N LEU A 126 -13.98 -4.27 -11.76
CA LEU A 126 -13.46 -2.90 -11.79
C LEU A 126 -14.45 -1.99 -12.51
N THR A 127 -15.19 -2.54 -13.47
CA THR A 127 -16.16 -1.71 -14.20
C THR A 127 -17.34 -1.24 -13.33
N ASP A 128 -17.56 -1.89 -12.20
CA ASP A 128 -18.58 -1.44 -11.26
C ASP A 128 -18.24 -0.07 -10.68
N PHE A 129 -16.99 0.37 -10.84
CA PHE A 129 -16.58 1.67 -10.29
C PHE A 129 -16.64 2.80 -11.33
N ASP A 130 -17.10 2.49 -12.53
CA ASP A 130 -17.18 3.49 -13.59
C ASP A 130 -18.45 4.32 -13.47
N SER A 131 -18.36 5.35 -12.64
CA SER A 131 -19.50 6.20 -12.32
C SER A 131 -18.97 7.60 -12.16
N ASN A 132 -19.70 8.60 -12.67
CA ASN A 132 -19.27 9.98 -12.55
C ASN A 132 -19.81 10.61 -11.27
N ARG A 133 -20.36 9.79 -10.39
CA ARG A 133 -20.93 10.31 -9.16
C ARG A 133 -19.86 11.03 -8.36
N SER A 134 -20.19 12.23 -7.89
CA SER A 134 -19.25 13.04 -7.13
C SER A 134 -19.41 12.83 -5.64
N GLY A 135 -18.37 13.17 -4.88
CA GLY A 135 -18.41 13.08 -3.43
C GLY A 135 -18.03 11.72 -2.88
N GLY A 136 -17.51 10.85 -3.75
CA GLY A 136 -17.09 9.53 -3.33
C GLY A 136 -18.18 8.47 -3.48
N ILE A 137 -17.78 7.30 -3.94
CA ILE A 137 -18.72 6.19 -4.04
C ILE A 137 -18.29 5.08 -3.08
N VAL A 138 -19.27 4.42 -2.48
CA VAL A 138 -18.98 3.30 -1.59
C VAL A 138 -18.25 2.18 -2.32
N ALA A 139 -17.14 1.71 -1.76
CA ALA A 139 -16.46 0.55 -2.35
C ALA A 139 -16.66 -0.69 -1.50
N VAL A 140 -16.95 -0.51 -0.22
CA VAL A 140 -17.21 -1.64 0.68
C VAL A 140 -17.96 -1.12 1.90
N ASN A 141 -18.92 -1.91 2.39
CA ASN A 141 -19.63 -1.58 3.63
C ASN A 141 -18.78 -2.05 4.80
N LEU A 142 -18.40 -1.13 5.68
CA LEU A 142 -17.54 -1.45 6.81
C LEU A 142 -18.37 -1.40 8.08
N ARG A 143 -18.03 -2.27 9.04
CA ARG A 143 -18.57 -2.14 10.39
C ARG A 143 -17.95 -0.90 11.04
N ASP A 144 -18.56 -0.45 12.13
CA ASP A 144 -18.21 0.84 12.73
C ASP A 144 -16.75 0.84 13.20
N ASN A 145 -16.23 -0.32 13.58
CA ASN A 145 -14.86 -0.39 14.06
C ASN A 145 -13.90 -1.04 13.05
N ASP A 146 -14.26 -0.96 11.77
CA ASP A 146 -13.38 -1.45 10.71
C ASP A 146 -12.96 -0.25 9.83
N GLU A 147 -11.92 -0.48 9.05
CA GLU A 147 -11.36 0.53 8.15
CA GLU A 147 -11.39 0.52 8.14
C GLU A 147 -10.85 -0.17 6.92
N LEU A 148 -10.81 0.53 5.78
CA LEU A 148 -10.22 -0.06 4.58
C LEU A 148 -8.70 0.14 4.69
N VAL A 149 -7.92 -0.91 4.45
CA VAL A 149 -6.46 -0.83 4.53
CA VAL A 149 -6.47 -0.79 4.52
C VAL A 149 -5.77 -1.07 3.18
N GLY A 150 -6.36 -1.88 2.34
CA GLY A 150 -5.69 -2.19 1.07
C GLY A 150 -6.65 -2.25 -0.10
N ALA A 151 -6.12 -1.99 -1.29
CA ALA A 151 -6.90 -2.06 -2.52
C ALA A 151 -5.90 -2.37 -3.64
N VAL A 152 -6.18 -3.40 -4.44
CA VAL A 152 -5.27 -3.78 -5.53
C VAL A 152 -6.08 -4.17 -6.77
N LEU A 153 -5.55 -4.09 -7.90
CA LEU A 153 -6.06 -4.59 -9.17
C LEU A 153 -5.57 -6.01 -9.37
N CYS A 154 -6.38 -6.85 -9.80
CA CYS A 154 -5.92 -8.20 -10.05
C CYS A 154 -6.86 -8.96 -10.96
N SER A 155 -6.45 -10.19 -11.28
CA SER A 155 -7.24 -11.09 -12.08
CA SER A 155 -7.24 -11.10 -12.08
C SER A 155 -7.52 -12.36 -11.29
N ALA A 156 -8.40 -13.20 -11.81
CA ALA A 156 -8.78 -14.43 -11.12
C ALA A 156 -7.61 -15.43 -11.05
N GLY A 157 -6.58 -15.22 -11.86
CA GLY A 157 -5.40 -16.08 -11.82
C GLY A 157 -4.35 -15.69 -10.80
N ASP A 158 -4.55 -14.57 -10.09
CA ASP A 158 -3.57 -14.08 -9.13
C ASP A 158 -3.73 -14.68 -7.73
N ASP A 159 -2.64 -14.66 -6.96
CA ASP A 159 -2.70 -14.95 -5.54
C ASP A 159 -2.60 -13.62 -4.82
N LEU A 160 -3.26 -13.55 -3.67
CA LEU A 160 -3.20 -12.39 -2.80
C LEU A 160 -2.47 -12.72 -1.51
N LEU A 161 -1.76 -11.72 -0.97
CA LEU A 161 -1.06 -11.90 0.30
C LEU A 161 -1.54 -10.86 1.31
N LEU A 162 -2.04 -11.32 2.45
CA LEU A 162 -2.45 -10.42 3.53
CA LEU A 162 -2.44 -10.42 3.54
C LEU A 162 -1.46 -10.58 4.68
N VAL A 163 -1.05 -9.47 5.29
CA VAL A 163 -0.13 -9.52 6.44
C VAL A 163 -0.64 -8.65 7.57
N SER A 164 -0.58 -9.18 8.80
CA SER A 164 -1.10 -8.46 9.96
C SER A 164 0.03 -7.84 10.76
N ALA A 165 -0.31 -6.90 11.63
CA ALA A 165 0.66 -6.18 12.44
C ALA A 165 1.38 -7.12 13.40
N ASN A 166 0.71 -8.17 13.85
CA ASN A 166 1.34 -9.10 14.77
C ASN A 166 2.16 -10.15 14.05
N GLY A 167 2.20 -10.08 12.73
CA GLY A 167 3.06 -10.95 11.96
C GLY A 167 2.41 -12.20 11.37
N GLN A 168 1.08 -12.28 11.33
CA GLN A 168 0.43 -13.35 10.58
C GLN A 168 0.39 -12.99 9.10
N SER A 169 0.41 -14.02 8.26
CA SER A 169 0.36 -13.84 6.82
C SER A 169 -0.50 -14.96 6.23
N ILE A 170 -1.27 -14.64 5.20
CA ILE A 170 -2.01 -15.66 4.50
C ILE A 170 -1.93 -15.36 3.02
N ARG A 171 -1.72 -16.41 2.24
CA ARG A 171 -1.68 -16.31 0.80
C ARG A 171 -2.77 -17.21 0.23
N PHE A 172 -3.65 -16.67 -0.59
CA PHE A 172 -4.69 -17.49 -1.21
C PHE A 172 -4.97 -17.06 -2.65
N SER A 173 -5.47 -17.99 -3.45
CA SER A 173 -5.70 -17.73 -4.87
C SER A 173 -7.08 -17.12 -5.13
N ALA A 174 -7.07 -15.94 -5.76
CA ALA A 174 -8.26 -15.11 -5.96
C ALA A 174 -9.00 -15.66 -7.19
N THR A 175 -9.34 -16.94 -7.16
CA THR A 175 -10.24 -17.51 -8.15
C THR A 175 -11.68 -17.10 -7.93
N ASP A 176 -12.51 -17.34 -8.94
CA ASP A 176 -13.92 -17.06 -8.79
C ASP A 176 -14.49 -17.87 -7.64
N GLU A 177 -14.07 -19.12 -7.52
CA GLU A 177 -14.61 -20.00 -6.47
C GLU A 177 -14.22 -19.46 -5.09
N ALA A 178 -12.97 -19.02 -4.96
CA ALA A 178 -12.46 -18.56 -3.68
C ALA A 178 -13.07 -17.21 -3.29
N LEU A 179 -13.24 -16.34 -4.26
CA LEU A 179 -13.70 -14.97 -4.02
C LEU A 179 -14.67 -14.58 -5.12
N ARG A 180 -15.94 -14.83 -4.91
CA ARG A 180 -16.95 -14.51 -5.90
C ARG A 180 -17.05 -13.00 -6.02
N PRO A 181 -17.19 -12.49 -7.25
CA PRO A 181 -17.34 -11.03 -7.37
C PRO A 181 -18.59 -10.54 -6.65
N MET A 182 -18.48 -9.43 -5.92
CA MET A 182 -19.62 -8.88 -5.19
C MET A 182 -19.80 -7.41 -5.56
N GLY A 183 -20.98 -6.88 -5.27
CA GLY A 183 -21.31 -5.51 -5.61
C GLY A 183 -20.54 -4.56 -4.73
N ARG A 184 -20.51 -3.29 -5.09
CA ARG A 184 -19.79 -2.32 -4.27
C ARG A 184 -20.35 -2.15 -2.86
N ALA A 185 -21.67 -2.17 -2.74
CA ALA A 185 -22.31 -1.84 -1.46
C ALA A 185 -22.23 -2.93 -0.39
N THR A 186 -21.68 -4.09 -0.74
CA THR A 186 -21.69 -5.24 0.17
C THR A 186 -20.52 -5.22 1.15
N SER A 187 -20.65 -6.02 2.20
CA SER A 187 -19.58 -6.20 3.18
CA SER A 187 -19.57 -6.18 3.16
C SER A 187 -18.58 -7.20 2.63
N GLY A 188 -17.40 -7.25 3.23
CA GLY A 188 -16.40 -8.21 2.84
C GLY A 188 -16.71 -9.59 3.41
N VAL A 189 -15.96 -10.57 2.95
CA VAL A 189 -15.96 -11.93 3.49
C VAL A 189 -14.65 -12.14 4.23
N GLN A 190 -14.55 -13.16 5.05
CA GLN A 190 -13.35 -13.27 5.87
C GLN A 190 -12.13 -13.59 5.01
N GLY A 191 -11.04 -12.84 5.20
CA GLY A 191 -9.80 -13.08 4.46
C GLY A 191 -8.74 -13.73 5.33
N MET A 192 -8.48 -13.11 6.48
CA MET A 192 -7.65 -13.73 7.51
CA MET A 192 -7.64 -13.69 7.52
C MET A 192 -8.38 -13.55 8.84
N ARG A 193 -8.32 -14.57 9.68
CA ARG A 193 -8.97 -14.53 10.99
C ARG A 193 -7.93 -14.20 12.08
N PHE A 194 -8.22 -13.20 12.88
CA PHE A 194 -7.40 -12.86 14.02
C PHE A 194 -8.23 -12.09 15.06
N ASN A 195 -7.71 -12.00 16.27
CA ASN A 195 -8.40 -11.29 17.34
C ASN A 195 -8.23 -9.77 17.39
N ILE A 196 -8.87 -9.18 18.39
CA ILE A 196 -8.93 -7.75 18.56
C ILE A 196 -7.55 -7.14 18.75
N ASP A 197 -6.62 -7.93 19.27
CA ASP A 197 -5.24 -7.49 19.49
CA ASP A 197 -5.27 -7.43 19.49
C ASP A 197 -4.44 -7.32 18.20
N ASP A 198 -4.97 -7.85 17.10
CA ASP A 198 -4.24 -7.81 15.81
C ASP A 198 -5.03 -6.94 14.84
N ARG A 199 -4.39 -6.53 13.75
CA ARG A 199 -5.03 -5.75 12.70
C ARG A 199 -4.26 -5.91 11.40
N LEU A 200 -4.94 -5.79 10.26
CA LEU A 200 -4.27 -5.99 8.99
C LEU A 200 -3.34 -4.85 8.69
N LEU A 201 -2.17 -5.15 8.19
CA LEU A 201 -1.18 -4.14 7.84
C LEU A 201 -1.12 -3.88 6.32
N SER A 202 -1.14 -4.93 5.50
CA SER A 202 -1.05 -4.77 4.04
C SER A 202 -1.71 -5.87 3.23
N LEU A 203 -2.11 -5.47 2.01
CA LEU A 203 -2.64 -6.36 0.98
C LEU A 203 -1.77 -6.22 -0.28
N ASN A 204 -1.35 -7.33 -0.86
CA ASN A 204 -0.53 -7.29 -2.06
C ASN A 204 -0.84 -8.42 -3.01
N VAL A 205 -0.63 -8.17 -4.31
CA VAL A 205 -0.74 -9.21 -5.30
C VAL A 205 0.61 -9.93 -5.40
N VAL A 206 0.57 -11.25 -5.36
CA VAL A 206 1.78 -12.07 -5.50
C VAL A 206 2.37 -11.98 -6.91
N ARG A 207 3.67 -11.68 -6.96
CA ARG A 207 4.42 -11.62 -8.23
C ARG A 207 5.71 -12.45 -8.12
N GLU A 208 6.01 -13.28 -9.12
CA GLU A 208 7.19 -14.16 -9.02
C GLU A 208 8.49 -13.36 -8.86
N GLY A 209 9.41 -13.91 -8.09
CA GLY A 209 10.74 -13.35 -7.97
C GLY A 209 10.84 -12.13 -7.07
N THR A 210 9.77 -11.84 -6.33
CA THR A 210 9.80 -10.73 -5.38
C THR A 210 9.93 -11.27 -3.96
N TYR A 211 9.99 -10.35 -2.99
CA TYR A 211 10.17 -10.69 -1.60
C TYR A 211 9.17 -9.92 -0.76
N LEU A 212 8.70 -10.51 0.34
CA LEU A 212 8.02 -9.72 1.36
C LEU A 212 9.07 -9.23 2.34
N LEU A 213 9.22 -7.92 2.43
CA LEU A 213 10.12 -7.29 3.37
C LEU A 213 9.28 -6.93 4.59
N VAL A 214 9.66 -7.44 5.76
CA VAL A 214 9.00 -7.01 6.97
C VAL A 214 10.00 -6.29 7.89
N ALA A 215 9.48 -5.37 8.69
CA ALA A 215 10.33 -4.64 9.64
C ALA A 215 9.55 -4.34 10.90
N THR A 216 10.22 -4.49 12.05
CA THR A 216 9.57 -4.34 13.35
C THR A 216 9.83 -2.93 13.89
N SER A 217 9.07 -2.52 14.90
CA SER A 217 9.22 -1.18 15.43
C SER A 217 10.60 -1.03 16.06
N GLY A 218 11.18 -2.13 16.54
CA GLY A 218 12.53 -2.11 17.08
C GLY A 218 13.64 -1.95 16.06
N GLY A 219 13.30 -1.97 14.76
CA GLY A 219 14.27 -1.72 13.70
C GLY A 219 14.82 -2.97 13.04
N TYR A 220 14.22 -4.12 13.31
CA TYR A 220 14.71 -5.37 12.73
C TYR A 220 13.95 -5.72 11.46
N ALA A 221 14.69 -6.02 10.40
CA ALA A 221 14.09 -6.23 9.09
C ALA A 221 14.67 -7.46 8.40
N LYS A 222 13.85 -8.10 7.56
CA LYS A 222 14.33 -9.19 6.71
C LYS A 222 13.45 -9.23 5.46
N ARG A 223 13.89 -9.94 4.43
CA ARG A 223 13.02 -10.17 3.30
C ARG A 223 13.01 -11.65 2.95
N THR A 224 11.82 -12.16 2.69
CA THR A 224 11.64 -13.57 2.42
C THR A 224 11.06 -13.74 1.02
N ALA A 225 11.65 -14.61 0.21
CA ALA A 225 11.14 -14.86 -1.15
C ALA A 225 9.67 -15.23 -1.08
N ILE A 226 8.89 -14.71 -2.03
CA ILE A 226 7.45 -14.87 -2.01
C ILE A 226 7.06 -16.36 -2.16
N GLU A 227 7.94 -17.16 -2.74
N GLU A 227 7.93 -17.16 -2.76
CA GLU A 227 7.64 -18.57 -2.98
CA GLU A 227 7.66 -18.59 -2.96
C GLU A 227 7.65 -19.39 -1.70
C GLU A 227 7.45 -19.32 -1.64
N GLU A 228 8.06 -18.77 -0.60
CA GLU A 228 8.09 -19.43 0.71
C GLU A 228 6.83 -19.16 1.52
N TYR A 229 5.90 -18.40 0.93
CA TYR A 229 4.56 -18.23 1.50
C TYR A 229 3.60 -19.26 0.91
N PRO A 230 3.09 -20.14 1.76
CA PRO A 230 2.31 -21.28 1.27
C PRO A 230 0.90 -20.88 0.87
N VAL A 231 0.41 -21.44 -0.22
CA VAL A 231 -0.96 -21.18 -0.65
C VAL A 231 -1.92 -21.96 0.27
N GLN A 232 -2.88 -21.25 0.84
CA GLN A 232 -3.87 -21.83 1.75
C GLN A 232 -5.28 -21.37 1.37
N GLY A 233 -6.30 -21.97 1.97
CA GLY A 233 -7.65 -21.49 1.75
C GLY A 233 -7.85 -20.12 2.39
N ARG A 234 -8.60 -19.27 1.71
CA ARG A 234 -9.00 -17.99 2.29
C ARG A 234 -9.69 -18.19 3.65
N GLY A 235 -9.44 -17.27 4.57
CA GLY A 235 -10.22 -17.18 5.80
C GLY A 235 -9.55 -17.82 7.02
N GLY A 236 -8.38 -18.42 6.83
CA GLY A 236 -7.66 -19.03 7.93
C GLY A 236 -6.86 -18.05 8.78
N LYS A 237 -6.15 -18.58 9.77
CA LYS A 237 -5.34 -17.73 10.64
C LYS A 237 -4.02 -17.37 9.99
N GLY A 238 -3.63 -18.13 8.97
CA GLY A 238 -2.39 -17.87 8.26
C GLY A 238 -1.21 -18.48 9.00
N VAL A 239 -0.01 -18.05 8.60
CA VAL A 239 1.24 -18.54 9.15
C VAL A 239 2.13 -17.34 9.50
N LEU A 240 3.03 -17.54 10.46
CA LEU A 240 3.87 -16.41 10.88
C LEU A 240 4.86 -15.99 9.80
N THR A 241 5.11 -14.68 9.72
CA THR A 241 6.11 -14.16 8.79
C THR A 241 7.18 -13.38 9.55
N VAL A 242 7.22 -13.61 10.85
CA VAL A 242 8.29 -13.06 11.66
C VAL A 242 8.46 -13.92 12.90
N MET A 243 9.67 -13.94 13.42
CA MET A 243 9.93 -14.52 14.73
C MET A 243 9.72 -13.40 15.72
N TYR A 244 8.61 -13.46 16.44
CA TYR A 244 8.23 -12.38 17.34
C TYR A 244 9.09 -12.37 18.60
N ASP A 245 9.45 -11.16 19.01
CA ASP A 245 10.17 -10.95 20.25
C ASP A 245 9.60 -9.68 20.90
N ARG A 246 9.37 -9.73 22.20
CA ARG A 246 8.84 -8.56 22.91
C ARG A 246 9.66 -7.32 22.60
N ARG A 247 10.98 -7.45 22.66
CA ARG A 247 11.87 -6.30 22.55
C ARG A 247 11.97 -5.78 21.12
N ARG A 248 11.85 -6.68 20.14
CA ARG A 248 12.03 -6.29 18.75
C ARG A 248 10.79 -5.57 18.22
N GLY A 249 9.62 -5.85 18.79
CA GLY A 249 8.40 -5.11 18.48
C GLY A 249 7.52 -5.75 17.42
N ARG A 250 6.36 -5.15 17.23
CA ARG A 250 5.40 -5.53 16.20
C ARG A 250 5.85 -5.00 14.85
N LEU A 251 5.19 -5.50 13.73
CA LEU A 251 5.57 -4.99 12.43
C LEU A 251 5.08 -3.57 12.21
N VAL A 252 5.94 -2.82 11.56
CA VAL A 252 5.54 -1.49 11.12
C VAL A 252 5.52 -1.41 9.60
N GLY A 253 6.18 -2.36 8.95
CA GLY A 253 6.21 -2.37 7.51
C GLY A 253 5.91 -3.71 6.87
N ALA A 254 4.93 -3.75 5.99
CA ALA A 254 4.67 -4.93 5.19
C ALA A 254 4.67 -4.46 3.74
N LEU A 255 5.62 -4.94 2.96
CA LEU A 255 5.69 -4.53 1.56
C LEU A 255 6.42 -5.53 0.68
N ILE A 256 6.10 -5.49 -0.61
CA ILE A 256 6.78 -6.28 -1.62
C ILE A 256 7.93 -5.49 -2.22
N VAL A 257 9.07 -6.14 -2.34
CA VAL A 257 10.26 -5.53 -2.94
C VAL A 257 10.92 -6.52 -3.88
N ASP A 258 11.78 -6.01 -4.75
CA ASP A 258 12.63 -6.88 -5.54
CA ASP A 258 12.62 -6.81 -5.61
C ASP A 258 14.08 -6.49 -5.28
N ASP A 259 15.01 -7.14 -5.94
CA ASP A 259 16.42 -6.92 -5.61
C ASP A 259 16.87 -5.48 -5.83
N ASP A 260 16.16 -4.77 -6.69
CA ASP A 260 16.54 -3.40 -7.05
C ASP A 260 15.77 -2.32 -6.30
N SER A 261 14.89 -2.71 -5.38
CA SER A 261 14.05 -1.71 -4.72
C SER A 261 14.88 -0.77 -3.84
N GLU A 262 14.43 0.46 -3.74
CA GLU A 262 15.03 1.44 -2.85
C GLU A 262 13.94 1.89 -1.89
N LEU A 263 14.29 1.99 -0.61
CA LEU A 263 13.33 2.30 0.43
C LEU A 263 13.81 3.42 1.33
N TYR A 264 12.86 3.99 2.06
CA TYR A 264 13.18 4.95 3.08
C TYR A 264 12.67 4.41 4.41
N ALA A 265 13.57 4.26 5.36
CA ALA A 265 13.19 3.86 6.71
C ALA A 265 12.97 5.10 7.56
N VAL A 266 11.74 5.28 8.02
CA VAL A 266 11.39 6.46 8.80
C VAL A 266 11.58 6.13 10.28
N THR A 267 12.46 6.86 10.96
CA THR A 267 12.83 6.50 12.31
C THR A 267 12.28 7.50 13.32
N SER A 268 12.48 7.18 14.60
CA SER A 268 12.22 8.14 15.66
C SER A 268 13.20 9.31 15.53
N GLY A 269 12.92 10.40 16.23
CA GLY A 269 13.80 11.56 16.25
C GLY A 269 13.79 12.38 14.97
N GLY A 270 12.77 12.20 14.15
CA GLY A 270 12.63 12.94 12.91
C GLY A 270 13.49 12.39 11.77
N GLY A 271 14.07 11.21 11.96
CA GLY A 271 15.07 10.72 11.01
C GLY A 271 14.52 9.98 9.80
N VAL A 272 15.35 9.91 8.77
CA VAL A 272 15.05 9.07 7.61
C VAL A 272 16.33 8.37 7.20
N ILE A 273 16.28 7.07 6.96
CA ILE A 273 17.45 6.36 6.46
C ILE A 273 17.19 5.84 5.06
N ARG A 274 18.14 6.03 4.14
CA ARG A 274 18.11 5.36 2.85
CA ARG A 274 18.13 5.35 2.85
C ARG A 274 18.48 3.89 3.02
N THR A 275 17.56 3.00 2.69
CA THR A 275 17.81 1.55 2.77
C THR A 275 17.46 0.89 1.45
N ALA A 276 18.46 0.33 0.77
CA ALA A 276 18.20 -0.45 -0.43
C ALA A 276 17.74 -1.86 -0.03
N ALA A 277 16.83 -2.44 -0.79
CA ALA A 277 16.42 -3.81 -0.52
C ALA A 277 17.61 -4.77 -0.49
N ARG A 278 18.67 -4.49 -1.25
CA ARG A 278 19.79 -5.42 -1.28
CA ARG A 278 19.80 -5.40 -1.29
C ARG A 278 20.59 -5.38 0.03
N GLN A 279 20.36 -4.37 0.86
CA GLN A 279 21.00 -4.32 2.19
C GLN A 279 20.25 -5.16 3.21
N VAL A 280 18.99 -5.47 2.92
CA VAL A 280 18.13 -6.19 3.87
C VAL A 280 18.31 -7.69 3.70
N ARG A 281 18.65 -8.38 4.79
CA ARG A 281 19.05 -9.78 4.74
C ARG A 281 17.94 -10.67 4.20
N LYS A 282 18.25 -11.45 3.16
CA LYS A 282 17.32 -12.46 2.68
C LYS A 282 17.30 -13.59 3.70
N ALA A 283 16.12 -13.95 4.16
CA ALA A 283 15.99 -14.96 5.20
C ALA A 283 14.67 -15.71 5.06
N GLY A 284 14.49 -16.73 5.90
CA GLY A 284 13.26 -17.50 5.90
C GLY A 284 12.09 -16.78 6.53
N ARG A 285 10.90 -17.30 6.26
CA ARG A 285 9.65 -16.74 6.74
C ARG A 285 9.67 -16.47 8.23
N GLN A 286 10.23 -17.39 9.02
CA GLN A 286 10.22 -17.27 10.47
CA GLN A 286 10.23 -17.18 10.47
C GLN A 286 11.64 -17.19 11.04
N THR A 287 12.56 -16.62 10.28
CA THR A 287 13.92 -16.41 10.75
C THR A 287 13.94 -15.01 11.31
N LYS A 288 14.76 -14.77 12.35
CA LYS A 288 14.83 -13.44 12.91
C LYS A 288 15.43 -12.45 11.92
N GLY A 289 14.88 -11.25 11.90
CA GLY A 289 15.38 -10.18 11.09
C GLY A 289 16.68 -9.61 11.62
N VAL A 290 17.18 -8.60 10.92
CA VAL A 290 18.50 -8.04 11.15
C VAL A 290 18.34 -6.53 11.31
N ARG A 291 18.99 -5.96 12.32
CA ARG A 291 18.84 -4.55 12.62
C ARG A 291 19.24 -3.69 11.42
N LEU A 292 18.45 -2.66 11.09
CA LEU A 292 18.78 -1.83 9.93
C LEU A 292 20.06 -1.04 10.16
N MET A 293 20.94 -1.07 9.17
CA MET A 293 22.13 -0.24 9.18
C MET A 293 21.75 1.23 9.28
N ASN A 294 22.56 1.98 10.01
CA ASN A 294 22.39 3.42 10.23
C ASN A 294 21.19 3.76 11.10
N LEU A 295 20.61 2.78 11.81
CA LEU A 295 19.69 3.05 12.91
C LEU A 295 20.48 3.30 14.19
N GLY A 296 20.33 4.48 14.77
CA GLY A 296 21.07 4.83 15.97
C GLY A 296 20.68 3.97 17.17
N GLU A 297 21.58 3.87 18.14
CA GLU A 297 21.31 3.13 19.36
C GLU A 297 20.10 3.75 20.04
N GLY A 298 19.15 2.91 20.43
CA GLY A 298 17.96 3.39 21.12
C GLY A 298 16.87 3.91 20.20
N ASP A 299 17.18 4.11 18.93
CA ASP A 299 16.17 4.61 17.98
C ASP A 299 15.24 3.52 17.49
N THR A 300 14.02 3.89 17.14
CA THR A 300 13.05 2.92 16.68
C THR A 300 12.57 3.27 15.28
N LEU A 301 11.81 2.36 14.67
CA LEU A 301 11.32 2.53 13.31
C LEU A 301 9.82 2.79 13.33
N LEU A 302 9.38 3.80 12.60
CA LEU A 302 7.96 4.13 12.48
C LEU A 302 7.31 3.58 11.21
N ALA A 303 8.09 3.49 10.13
CA ALA A 303 7.54 3.08 8.83
C ALA A 303 8.63 2.76 7.84
N ILE A 304 8.30 1.99 6.80
CA ILE A 304 9.13 1.85 5.59
C ILE A 304 8.41 2.45 4.37
N ALA A 305 9.00 3.46 3.76
CA ALA A 305 8.44 4.09 2.55
C ALA A 305 9.26 3.69 1.32
N ARG A 306 8.72 3.94 0.12
CA ARG A 306 9.44 3.66 -1.11
C ARG A 306 10.13 4.91 -1.60
N ASN A 307 11.22 4.73 -2.32
CA ASN A 307 11.94 5.84 -2.89
C ASN A 307 11.80 5.72 -4.40
N ALA A 308 11.04 6.64 -5.01
CA ALA A 308 10.67 6.57 -6.45
C ALA A 308 10.99 5.21 -7.05
CA CA B . 19.18 10.44 7.70
C ACT C . 20.07 10.52 4.86
O ACT C . 20.44 9.66 5.68
OXT ACT C . 19.31 11.41 5.31
CH3 ACT C . 20.53 10.53 3.43
C ACT D . 17.53 13.39 11.47
O ACT D . 17.20 13.69 10.29
OXT ACT D . 18.28 12.40 11.61
CH3 ACT D . 17.03 14.19 12.64
C1 GOL E . 14.35 20.66 -7.05
O1 GOL E . 15.73 20.86 -7.20
C2 GOL E . 13.64 22.02 -6.97
O2 GOL E . 12.24 21.86 -7.10
C3 GOL E . 14.15 22.94 -8.07
O3 GOL E . 13.81 24.26 -7.70
#